data_5W1G
#
_entry.id   5W1G
#
_cell.length_a   89.770
_cell.length_b   137.410
_cell.length_c   78.670
_cell.angle_alpha   90.000
_cell.angle_beta   148.660
_cell.angle_gamma   90.000
#
_symmetry.space_group_name_H-M   'C 1 2 1'
#
loop_
_entity.id
_entity.type
_entity.pdbx_description
1 polymer 'CR1-07 Fab heavy chain'
2 polymer 'CR1-07 Fab light chain'
3 water water
#
loop_
_entity_poly.entity_id
_entity_poly.type
_entity_poly.pdbx_seq_one_letter_code
_entity_poly.pdbx_strand_id
1 'polypeptide(L)'
;VQLVESGGGVVHPGRSLRLSCAASGFTFGTSIMHWVRQAPGKGMQWVAQISHDESRKFYSDSVKGRFTVSRDNSKNTLFL
EMSSLRIEDTAVYYCAKDLSPPYSYAWDIFQYWGQGSLVTVSGASTKGPSVFPLAPSKSGGTAALGCLVKDYFPEPVTVS
WNSGALTSGVHTFPAVLQSSGLYSLSSVVTVPSSSLGTQTYICNVNHKPSNTKVDKRVEPKSC
;
H
2 'polypeptide(L)'
;DIVMTQSPESLAVSLGERATINCKSSQSVLYSSRSDNKDYLAWYQQKPGQSPKLLIYWASTRESGVPERFTGSGSGTDFT
LSISSLQAEDVAVYYCQQYYSSPPTFGGGTKVELKRTVAAPSVFIFPPSDEQLKSGTASVVCLLNNFYPREAKVQWKVDN
ALQSGNSQESVTEQDSKDSTYSLSSTLTLSKADYEKHKVYACEVTHQGLSSPVTKSFNRGEC
;
L
#
# COMPACT_ATOMS: atom_id res chain seq x y z
N VAL A 1 2.51 -21.04 -9.38
CA VAL A 1 2.30 -19.88 -10.23
C VAL A 1 2.89 -18.63 -9.59
N GLN A 2 3.85 -18.02 -10.28
CA GLN A 2 4.49 -16.85 -9.80
C GLN A 2 4.76 -15.87 -10.88
N LEU A 3 4.39 -14.66 -10.61
CA LEU A 3 4.70 -13.56 -11.53
C LEU A 3 5.46 -12.50 -10.74
N VAL A 4 6.72 -12.28 -11.10
CA VAL A 4 7.60 -11.36 -10.39
C VAL A 4 8.04 -10.29 -11.37
N GLU A 5 7.56 -9.06 -11.16
CA GLU A 5 7.98 -7.93 -11.97
C GLU A 5 9.26 -7.34 -11.42
N SER A 6 10.15 -6.91 -12.31
CA SER A 6 11.40 -6.28 -11.93
C SER A 6 11.61 -5.05 -12.81
N GLY A 7 12.71 -4.35 -12.58
CA GLY A 7 12.90 -3.05 -13.18
C GLY A 7 12.01 -2.03 -12.50
N GLY A 8 12.03 -0.83 -13.04
CA GLY A 8 11.18 0.21 -12.48
C GLY A 8 11.92 1.08 -11.47
N GLY A 9 11.49 2.32 -11.37
CA GLY A 9 12.16 3.31 -10.55
C GLY A 9 11.71 4.69 -10.96
N VAL A 10 12.58 5.66 -10.70
CA VAL A 10 12.30 7.05 -11.05
C VAL A 10 12.96 7.37 -12.38
N VAL A 11 12.22 8.11 -13.20
CA VAL A 11 12.74 8.56 -14.48
C VAL A 11 12.28 9.98 -14.72
N HIS A 12 13.10 10.78 -15.37
CA HIS A 12 12.71 12.14 -15.69
C HIS A 12 11.69 12.12 -16.83
N PRO A 13 10.75 13.06 -16.84
CA PRO A 13 9.75 13.07 -17.91
C PRO A 13 10.42 13.10 -19.29
N GLY A 14 9.86 12.31 -20.21
CA GLY A 14 10.40 12.19 -21.55
C GLY A 14 11.34 11.02 -21.76
N ARG A 15 11.92 10.49 -20.68
CA ARG A 15 12.84 9.36 -20.80
C ARG A 15 12.06 8.05 -20.84
N SER A 16 12.80 6.95 -20.96
CA SER A 16 12.21 5.63 -21.12
C SER A 16 12.65 4.72 -19.98
N LEU A 17 12.00 3.55 -19.91
CA LEU A 17 12.24 2.58 -18.86
C LEU A 17 11.63 1.26 -19.28
N ARG A 18 12.32 0.15 -19.00
CA ARG A 18 11.85 -1.17 -19.37
C ARG A 18 11.54 -1.98 -18.12
N LEU A 19 10.33 -2.52 -18.06
CA LEU A 19 9.91 -3.44 -17.02
C LEU A 19 9.99 -4.88 -17.54
N SER A 20 10.25 -5.81 -16.63
CA SER A 20 10.29 -7.23 -16.94
C SER A 20 9.44 -7.99 -15.94
N CYS A 21 9.01 -9.18 -16.35
CA CYS A 21 8.11 -10.00 -15.56
C CYS A 21 8.49 -11.46 -15.76
N ALA A 22 9.10 -12.06 -14.74
CA ALA A 22 9.52 -13.46 -14.78
C ALA A 22 8.35 -14.35 -14.33
N ALA A 23 8.02 -15.32 -15.16
CA ALA A 23 6.86 -16.18 -14.93
C ALA A 23 7.30 -17.63 -14.66
N SER A 24 6.51 -18.32 -13.85
CA SER A 24 6.76 -19.72 -13.53
C SER A 24 5.47 -20.34 -13.03
N GLY A 25 5.34 -21.65 -13.25
CA GLY A 25 4.19 -22.39 -12.78
C GLY A 25 3.08 -22.61 -13.79
N PHE A 26 3.20 -22.05 -15.00
CA PHE A 26 2.21 -22.26 -16.04
C PHE A 26 2.91 -22.20 -17.39
N THR A 27 2.22 -22.72 -18.41
CA THR A 27 2.75 -22.71 -19.78
C THR A 27 2.73 -21.27 -20.28
N PHE A 28 3.78 -20.53 -19.95
CA PHE A 28 3.86 -19.13 -20.35
C PHE A 28 3.84 -18.98 -21.87
N GLY A 29 4.50 -19.90 -22.58
CA GLY A 29 4.68 -19.73 -24.00
C GLY A 29 3.39 -19.70 -24.79
N THR A 30 2.33 -20.30 -24.26
CA THR A 30 1.08 -20.45 -24.99
C THR A 30 -0.04 -19.57 -24.44
N SER A 31 0.24 -18.72 -23.46
CA SER A 31 -0.79 -17.96 -22.78
C SER A 31 -0.67 -16.48 -23.11
N ILE A 32 -1.82 -15.80 -23.11
CA ILE A 32 -1.87 -14.35 -23.32
C ILE A 32 -1.52 -13.66 -22.02
N MET A 33 -0.71 -12.59 -22.11
CA MET A 33 -0.26 -11.84 -20.96
C MET A 33 -0.71 -10.39 -21.07
N HIS A 34 -0.78 -9.71 -19.92
CA HIS A 34 -1.24 -8.34 -19.85
C HIS A 34 -0.32 -7.50 -18.98
N TRP A 35 -0.42 -6.19 -19.12
CA TRP A 35 0.13 -5.23 -18.18
C TRP A 35 -1.02 -4.36 -17.66
N VAL A 36 -1.12 -4.24 -16.35
CA VAL A 36 -2.14 -3.42 -15.70
C VAL A 36 -1.44 -2.56 -14.66
N ARG A 37 -1.87 -1.30 -14.56
CA ARG A 37 -1.22 -0.35 -13.67
C ARG A 37 -2.24 0.26 -12.72
N GLN A 38 -1.73 0.81 -11.62
CA GLN A 38 -2.55 1.42 -10.60
C GLN A 38 -1.87 2.70 -10.12
N ALA A 39 -2.44 3.84 -10.45
CA ALA A 39 -1.88 5.11 -10.04
C ALA A 39 -2.15 5.34 -8.56
N PRO A 40 -1.38 6.24 -7.91
CA PRO A 40 -1.60 6.53 -6.49
C PRO A 40 -3.05 6.84 -6.16
N GLY A 41 -3.64 6.06 -5.25
CA GLY A 41 -4.99 6.31 -4.79
C GLY A 41 -6.03 6.35 -5.89
N LYS A 42 -5.94 5.42 -6.84
CA LYS A 42 -6.94 5.30 -7.90
C LYS A 42 -7.14 3.83 -8.21
N GLY A 43 -8.00 3.54 -9.19
CA GLY A 43 -8.30 2.19 -9.56
C GLY A 43 -7.40 1.65 -10.66
N MET A 44 -7.50 0.35 -10.89
CA MET A 44 -6.69 -0.31 -11.90
C MET A 44 -6.99 0.24 -13.29
N GLN A 45 -5.98 0.23 -14.16
CA GLN A 45 -6.14 0.58 -15.56
C GLN A 45 -5.35 -0.39 -16.40
N TRP A 46 -6.03 -1.10 -17.30
CA TRP A 46 -5.35 -1.99 -18.23
C TRP A 46 -4.45 -1.19 -19.16
N VAL A 47 -3.27 -1.74 -19.46
CA VAL A 47 -2.24 -1.03 -20.22
C VAL A 47 -1.97 -1.70 -21.56
N ALA A 48 -1.72 -3.01 -21.55
CA ALA A 48 -1.33 -3.68 -22.79
C ALA A 48 -1.67 -5.17 -22.71
N GLN A 49 -1.80 -5.76 -23.90
CA GLN A 49 -2.08 -7.18 -24.08
C GLN A 49 -1.18 -7.71 -25.18
N ILE A 50 -0.75 -8.96 -25.04
CA ILE A 50 0.13 -9.57 -26.04
C ILE A 50 -0.19 -11.06 -26.12
N SER A 51 -0.16 -11.59 -27.35
CA SER A 51 -0.51 -12.97 -27.60
C SER A 51 0.68 -13.89 -27.37
N HIS A 52 0.46 -15.19 -27.57
CA HIS A 52 1.50 -16.18 -27.30
C HIS A 52 2.72 -15.97 -28.19
N ASP A 53 2.50 -15.56 -29.45
CA ASP A 53 3.58 -15.42 -30.41
C ASP A 53 3.85 -13.97 -30.78
N GLU A 54 3.30 -13.01 -30.04
CA GLU A 54 3.49 -11.58 -30.23
C GLU A 54 2.78 -11.05 -31.48
N SER A 55 2.12 -11.92 -32.26
CA SER A 55 1.49 -11.47 -33.49
C SER A 55 0.38 -10.47 -33.24
N ARG A 56 -0.28 -10.56 -32.08
CA ARG A 56 -1.39 -9.69 -31.73
C ARG A 56 -1.04 -8.90 -30.47
N LYS A 57 -0.93 -7.59 -30.60
CA LYS A 57 -0.65 -6.70 -29.48
C LYS A 57 -1.73 -5.63 -29.41
N PHE A 58 -2.10 -5.25 -28.19
CA PHE A 58 -3.13 -4.26 -27.97
C PHE A 58 -2.72 -3.35 -26.81
N TYR A 59 -3.04 -2.07 -26.93
CA TYR A 59 -2.61 -1.07 -25.97
C TYR A 59 -3.79 -0.17 -25.59
N SER A 60 -3.73 0.36 -24.38
CA SER A 60 -4.68 1.39 -23.99
C SER A 60 -4.37 2.68 -24.73
N ASP A 61 -5.41 3.38 -25.17
CA ASP A 61 -5.23 4.65 -25.85
C ASP A 61 -4.38 5.62 -25.04
N SER A 62 -4.31 5.43 -23.72
CA SER A 62 -3.51 6.32 -22.87
C SER A 62 -2.02 6.15 -23.09
N VAL A 63 -1.58 4.99 -23.61
CA VAL A 63 -0.17 4.72 -23.84
C VAL A 63 0.12 4.41 -25.30
N LYS A 64 -0.90 4.34 -26.16
CA LYS A 64 -0.69 4.01 -27.55
C LYS A 64 0.37 4.91 -28.17
N GLY A 65 1.31 4.30 -28.87
CA GLY A 65 2.37 5.02 -29.54
C GLY A 65 3.59 5.28 -28.69
N ARG A 66 3.49 5.16 -27.37
CA ARG A 66 4.61 5.38 -26.48
C ARG A 66 5.12 4.12 -25.81
N PHE A 67 4.24 3.17 -25.51
CA PHE A 67 4.63 1.92 -24.86
C PHE A 67 4.64 0.77 -25.87
N THR A 68 5.52 -0.19 -25.62
CA THR A 68 5.63 -1.38 -26.45
C THR A 68 5.73 -2.60 -25.55
N VAL A 69 4.85 -3.56 -25.78
CA VAL A 69 4.86 -4.82 -25.03
C VAL A 69 5.53 -5.88 -25.89
N SER A 70 6.41 -6.66 -25.26
CA SER A 70 7.10 -7.74 -25.95
C SER A 70 7.31 -8.88 -24.95
N ARG A 71 7.85 -9.99 -25.43
CA ARG A 71 8.01 -11.16 -24.58
C ARG A 71 9.13 -12.03 -25.14
N ASP A 72 9.75 -12.80 -24.25
CA ASP A 72 10.73 -13.83 -24.61
C ASP A 72 10.26 -15.14 -24.01
N ASN A 73 9.70 -16.01 -24.84
CA ASN A 73 9.15 -17.27 -24.35
C ASN A 73 10.25 -18.26 -23.94
N SER A 74 11.45 -18.14 -24.50
CA SER A 74 12.54 -19.03 -24.10
C SER A 74 12.92 -18.80 -22.64
N LYS A 75 12.77 -17.57 -22.15
CA LYS A 75 13.09 -17.23 -20.76
C LYS A 75 11.84 -16.95 -19.93
N ASN A 76 10.65 -17.22 -20.47
CA ASN A 76 9.40 -17.02 -19.75
C ASN A 76 9.34 -15.63 -19.11
N THR A 77 9.63 -14.61 -19.91
CA THR A 77 9.67 -13.24 -19.43
C THR A 77 8.80 -12.35 -20.31
N LEU A 78 8.03 -11.48 -19.67
CA LEU A 78 7.23 -10.47 -20.34
C LEU A 78 7.90 -9.11 -20.16
N PHE A 79 7.82 -8.28 -21.20
CA PHE A 79 8.48 -6.98 -21.19
C PHE A 79 7.48 -5.88 -21.51
N LEU A 80 7.73 -4.71 -20.90
CA LEU A 80 7.02 -3.48 -21.24
C LEU A 80 8.05 -2.38 -21.41
N GLU A 81 8.24 -1.95 -22.66
CA GLU A 81 9.15 -0.85 -22.97
C GLU A 81 8.34 0.45 -22.94
N MET A 82 8.67 1.31 -21.98
CA MET A 82 7.95 2.57 -21.77
C MET A 82 8.84 3.72 -22.21
N SER A 83 8.36 4.54 -23.13
CA SER A 83 9.11 5.66 -23.65
C SER A 83 8.27 6.93 -23.57
N SER A 84 8.94 8.07 -23.66
CA SER A 84 8.30 9.38 -23.59
C SER A 84 7.38 9.45 -22.38
N LEU A 85 7.93 9.07 -21.22
CA LEU A 85 7.12 8.96 -20.03
C LEU A 85 6.64 10.31 -19.54
N ARG A 86 5.50 10.31 -18.86
CA ARG A 86 4.85 11.51 -18.38
C ARG A 86 4.53 11.34 -16.90
N ILE A 87 4.30 12.47 -16.23
CA ILE A 87 4.04 12.44 -14.79
C ILE A 87 2.85 11.52 -14.50
N GLU A 88 1.83 11.55 -15.36
CA GLU A 88 0.63 10.75 -15.15
C GLU A 88 0.86 9.26 -15.35
N ASP A 89 2.05 8.86 -15.80
CA ASP A 89 2.37 7.44 -15.92
C ASP A 89 2.88 6.86 -14.60
N THR A 90 3.10 7.67 -13.59
CA THR A 90 3.50 7.17 -12.28
C THR A 90 2.45 6.20 -11.75
N ALA A 91 2.87 4.98 -11.46
CA ALA A 91 1.94 3.96 -11.00
C ALA A 91 2.73 2.70 -10.66
N VAL A 92 2.07 1.79 -9.95
CA VAL A 92 2.58 0.44 -9.74
C VAL A 92 2.08 -0.41 -10.90
N TYR A 93 3.02 -1.03 -11.63
CA TYR A 93 2.71 -1.77 -12.83
C TYR A 93 2.66 -3.26 -12.52
N TYR A 94 1.54 -3.90 -12.85
CA TYR A 94 1.33 -5.32 -12.59
C TYR A 94 1.41 -6.12 -13.87
N CYS A 95 2.01 -7.29 -13.76
CA CYS A 95 2.03 -8.30 -14.82
C CYS A 95 0.95 -9.32 -14.51
N ALA A 96 0.16 -9.70 -15.52
CA ALA A 96 -1.00 -10.56 -15.29
C ALA A 96 -1.19 -11.54 -16.42
N LYS A 97 -1.62 -12.75 -16.08
CA LYS A 97 -1.92 -13.79 -17.05
C LYS A 97 -3.42 -13.81 -17.33
N ASP A 98 -3.77 -13.96 -18.61
CA ASP A 98 -5.17 -14.03 -19.01
C ASP A 98 -5.69 -15.45 -18.83
N LEU A 99 -6.97 -15.54 -18.42
CA LEU A 99 -7.58 -16.83 -18.16
C LEU A 99 -7.88 -17.61 -19.44
N SER A 100 -7.78 -17.00 -20.60
CA SER A 100 -8.14 -17.65 -21.84
C SER A 100 -7.27 -18.90 -22.08
N PRO A 101 -7.82 -19.94 -22.68
CA PRO A 101 -7.02 -21.15 -22.91
C PRO A 101 -6.05 -20.95 -24.06
N PRO A 102 -5.12 -21.88 -24.26
CA PRO A 102 -4.14 -21.73 -25.34
C PRO A 102 -4.80 -21.50 -26.70
N TYR A 103 -4.22 -20.57 -27.45
CA TYR A 103 -4.55 -20.29 -28.85
C TYR A 103 -5.93 -19.67 -29.02
N SER A 104 -6.63 -19.34 -27.93
CA SER A 104 -7.87 -18.60 -28.00
C SER A 104 -7.61 -17.12 -27.78
N TYR A 105 -8.49 -16.28 -28.32
CA TYR A 105 -8.37 -14.85 -28.10
C TYR A 105 -8.56 -14.53 -26.62
N ALA A 106 -8.13 -13.31 -26.25
CA ALA A 106 -8.11 -12.93 -24.85
C ALA A 106 -9.51 -12.92 -24.26
N TRP A 107 -9.62 -13.37 -23.01
CA TRP A 107 -10.84 -13.23 -22.22
C TRP A 107 -10.87 -11.93 -21.44
N ASP A 108 -9.74 -11.24 -21.31
CA ASP A 108 -9.62 -10.07 -20.45
C ASP A 108 -10.02 -10.39 -19.01
N ILE A 109 -9.80 -11.64 -18.60
CA ILE A 109 -9.95 -12.07 -17.22
C ILE A 109 -8.56 -12.30 -16.67
N PHE A 110 -8.18 -11.51 -15.65
CA PHE A 110 -6.82 -11.49 -15.15
C PHE A 110 -6.69 -12.58 -14.09
N GLN A 111 -6.37 -13.78 -14.57
CA GLN A 111 -6.35 -14.97 -13.71
C GLN A 111 -5.27 -14.85 -12.63
N TYR A 112 -4.07 -14.41 -13.00
CA TYR A 112 -2.97 -14.29 -12.06
C TYR A 112 -2.33 -12.92 -12.19
N TRP A 113 -1.83 -12.40 -11.07
CA TRP A 113 -1.17 -11.12 -11.01
C TRP A 113 0.19 -11.27 -10.35
N GLY A 114 1.06 -10.29 -10.60
CA GLY A 114 2.26 -10.13 -9.82
C GLY A 114 2.03 -9.20 -8.65
N GLN A 115 3.10 -8.94 -7.91
CA GLN A 115 3.01 -7.99 -6.80
C GLN A 115 3.18 -6.55 -7.25
N GLY A 116 3.72 -6.32 -8.44
CA GLY A 116 3.80 -5.00 -9.01
C GLY A 116 5.16 -4.36 -8.82
N SER A 117 5.44 -3.37 -9.68
CA SER A 117 6.67 -2.61 -9.63
C SER A 117 6.32 -1.12 -9.77
N LEU A 118 6.79 -0.32 -8.83
CA LEU A 118 6.49 1.11 -8.84
C LEU A 118 7.35 1.83 -9.87
N VAL A 119 6.70 2.62 -10.72
CA VAL A 119 7.37 3.49 -11.68
C VAL A 119 7.05 4.92 -11.31
N THR A 120 8.08 5.72 -11.07
CA THR A 120 7.93 7.13 -10.75
C THR A 120 8.47 7.97 -11.89
N VAL A 121 7.72 8.99 -12.28
CA VAL A 121 8.14 9.92 -13.33
C VAL A 121 8.12 11.31 -12.74
N SER A 122 9.30 11.87 -12.50
CA SER A 122 9.42 13.22 -11.97
C SER A 122 10.77 13.78 -12.35
N GLY A 123 10.82 15.09 -12.53
CA GLY A 123 12.08 15.77 -12.79
C GLY A 123 12.71 16.28 -11.52
N ALA A 124 12.37 15.67 -10.39
CA ALA A 124 12.87 16.06 -9.08
C ALA A 124 14.08 15.22 -8.71
N SER A 125 15.03 15.84 -8.02
CA SER A 125 16.29 15.19 -7.71
C SER A 125 16.08 14.02 -6.75
N THR A 126 16.75 12.91 -7.04
CA THR A 126 16.76 11.77 -6.13
C THR A 126 17.65 12.08 -4.93
N LYS A 127 17.19 11.67 -3.75
CA LYS A 127 17.95 11.90 -2.53
C LYS A 127 17.66 10.82 -1.50
N GLY A 128 18.72 10.33 -0.85
CA GLY A 128 18.57 9.30 0.14
C GLY A 128 18.17 9.85 1.49
N PRO A 129 17.76 8.97 2.38
CA PRO A 129 17.29 9.38 3.71
C PRO A 129 18.40 9.52 4.73
N SER A 130 18.08 10.26 5.79
CA SER A 130 18.86 10.28 7.01
C SER A 130 18.11 9.49 8.07
N VAL A 131 18.80 8.55 8.71
CA VAL A 131 18.18 7.60 9.62
C VAL A 131 18.56 7.99 11.05
N PHE A 132 17.56 8.30 11.85
CA PHE A 132 17.76 8.68 13.25
C PHE A 132 17.03 7.70 14.17
N PRO A 133 17.55 7.48 15.38
CA PRO A 133 16.91 6.53 16.28
C PRO A 133 15.76 7.16 17.05
N LEU A 134 14.69 6.37 17.24
CA LEU A 134 13.63 6.67 18.19
C LEU A 134 13.92 5.82 19.42
N ALA A 135 14.72 6.34 20.32
CA ALA A 135 15.32 5.54 21.38
C ALA A 135 14.30 5.26 22.48
N PRO A 136 14.24 4.03 23.00
CA PRO A 136 13.34 3.75 24.12
C PRO A 136 13.88 4.35 25.42
N SER A 137 12.96 4.83 26.25
CA SER A 137 13.33 5.43 27.53
C SER A 137 12.50 4.85 28.67
N GLY A 141 5.27 -3.62 30.82
CA GLY A 141 6.37 -4.52 30.51
C GLY A 141 6.74 -4.53 29.05
N THR A 142 6.31 -3.52 28.31
CA THR A 142 6.54 -3.43 26.87
C THR A 142 7.12 -2.05 26.55
N ALA A 143 8.20 -2.03 25.79
CA ALA A 143 8.89 -0.80 25.41
C ALA A 143 8.89 -0.64 23.90
N ALA A 144 8.80 0.61 23.44
CA ALA A 144 8.71 0.93 22.02
C ALA A 144 10.04 1.46 21.51
N LEU A 145 10.53 0.86 20.43
CA LEU A 145 11.70 1.33 19.70
C LEU A 145 11.28 1.78 18.30
N GLY A 146 12.15 2.53 17.64
CA GLY A 146 11.81 2.97 16.30
C GLY A 146 13.00 3.60 15.59
N CYS A 147 12.76 3.95 14.32
CA CYS A 147 13.73 4.66 13.51
C CYS A 147 12.98 5.66 12.63
N LEU A 148 13.49 6.88 12.57
CA LEU A 148 12.93 7.94 11.73
C LEU A 148 13.75 8.02 10.44
N VAL A 149 13.08 7.84 9.31
CA VAL A 149 13.70 7.89 7.99
C VAL A 149 13.21 9.17 7.33
N LYS A 150 14.06 10.19 7.31
CA LYS A 150 13.63 11.55 7.00
C LYS A 150 14.35 12.09 5.76
N ASP A 151 13.61 12.86 4.95
CA ASP A 151 14.15 13.64 3.85
C ASP A 151 14.72 12.76 2.74
N TYR A 152 13.88 11.93 2.13
CA TYR A 152 14.27 11.14 0.98
C TYR A 152 13.25 11.31 -0.15
N PHE A 153 13.71 11.07 -1.36
CA PHE A 153 12.85 11.10 -2.53
C PHE A 153 13.59 10.51 -3.72
N PRO A 154 12.92 9.75 -4.61
CA PRO A 154 11.51 9.35 -4.52
C PRO A 154 11.30 8.08 -3.70
N GLU A 155 10.04 7.78 -3.41
CA GLU A 155 9.69 6.60 -2.66
C GLU A 155 10.05 5.34 -3.47
N PRO A 156 10.06 4.17 -2.82
CA PRO A 156 9.84 3.95 -1.38
C PRO A 156 11.10 3.51 -0.65
N VAL A 157 11.01 3.43 0.68
CA VAL A 157 12.02 2.79 1.50
C VAL A 157 11.36 1.62 2.21
N THR A 158 12.18 0.60 2.48
CA THR A 158 11.76 -0.60 3.19
C THR A 158 12.60 -0.71 4.47
N VAL A 159 11.95 -1.04 5.58
CA VAL A 159 12.63 -1.14 6.86
C VAL A 159 12.41 -2.53 7.42
N SER A 160 13.50 -3.18 7.81
CA SER A 160 13.47 -4.42 8.58
C SER A 160 14.19 -4.18 9.90
N TRP A 161 14.02 -5.12 10.82
CA TRP A 161 14.62 -5.03 12.14
C TRP A 161 15.45 -6.27 12.42
N ASN A 162 16.68 -6.08 12.88
CA ASN A 162 17.59 -7.18 13.17
C ASN A 162 17.70 -8.13 11.98
N SER A 163 17.95 -7.55 10.81
CA SER A 163 18.17 -8.30 9.58
C SER A 163 17.01 -9.26 9.28
N GLY A 164 15.80 -8.87 9.67
CA GLY A 164 14.61 -9.66 9.41
C GLY A 164 14.23 -10.62 10.51
N ALA A 165 15.07 -10.79 11.54
CA ALA A 165 14.76 -11.73 12.61
C ALA A 165 13.60 -11.24 13.47
N LEU A 166 13.49 -9.93 13.66
CA LEU A 166 12.42 -9.34 14.46
C LEU A 166 11.31 -8.85 13.52
N THR A 167 10.14 -9.46 13.63
CA THR A 167 8.99 -9.09 12.81
C THR A 167 7.70 -8.91 13.60
N SER A 168 7.64 -9.40 14.83
CA SER A 168 6.44 -9.27 15.65
C SER A 168 6.42 -7.89 16.31
N GLY A 169 5.27 -7.21 16.28
CA GLY A 169 5.17 -5.90 16.87
C GLY A 169 5.73 -4.77 16.02
N VAL A 170 6.12 -5.05 14.79
CA VAL A 170 6.71 -4.04 13.91
C VAL A 170 5.60 -3.31 13.17
N HIS A 171 5.72 -1.99 13.08
CA HIS A 171 4.77 -1.17 12.34
C HIS A 171 5.56 -0.10 11.59
N THR A 172 5.71 -0.29 10.28
CA THR A 172 6.32 0.72 9.41
C THR A 172 5.20 1.57 8.82
N PHE A 173 5.23 2.86 9.13
CA PHE A 173 4.15 3.73 8.70
C PHE A 173 4.31 4.14 7.25
N PRO A 174 3.21 4.47 6.56
CA PRO A 174 3.33 4.98 5.20
C PRO A 174 4.00 6.34 5.17
N ALA A 175 4.72 6.59 4.07
CA ALA A 175 5.45 7.83 3.94
C ALA A 175 4.49 9.02 3.90
N VAL A 176 4.97 10.16 4.42
CA VAL A 176 4.24 11.41 4.34
C VAL A 176 5.13 12.42 3.62
N LEU A 177 4.55 13.11 2.64
CA LEU A 177 5.30 14.11 1.89
C LEU A 177 5.29 15.43 2.65
N GLN A 178 6.49 15.97 2.88
CA GLN A 178 6.64 17.22 3.60
C GLN A 178 6.48 18.40 2.63
N SER A 179 6.29 19.58 3.20
CA SER A 179 6.29 20.80 2.39
C SER A 179 7.58 20.96 1.61
N SER A 180 8.64 20.28 2.03
CA SER A 180 9.92 20.33 1.31
C SER A 180 9.86 19.60 -0.03
N GLY A 181 8.86 18.76 -0.24
CA GLY A 181 8.83 17.87 -1.39
C GLY A 181 9.54 16.56 -1.16
N LEU A 182 10.14 16.36 0.02
CA LEU A 182 10.81 15.12 0.38
C LEU A 182 9.93 14.32 1.33
N TYR A 183 10.04 13.00 1.26
CA TYR A 183 9.22 12.12 2.06
C TYR A 183 9.82 11.89 3.44
N SER A 184 8.96 11.51 4.37
CA SER A 184 9.37 11.16 5.73
C SER A 184 8.61 9.92 6.15
N LEU A 185 9.28 9.06 6.93
CA LEU A 185 8.72 7.77 7.28
C LEU A 185 9.26 7.34 8.64
N SER A 186 8.44 6.57 9.37
CA SER A 186 8.81 6.05 10.67
C SER A 186 8.51 4.56 10.72
N SER A 187 9.35 3.83 11.44
CA SER A 187 9.14 2.41 11.71
C SER A 187 9.37 2.17 13.19
N VAL A 188 8.41 1.51 13.83
CA VAL A 188 8.43 1.28 15.27
C VAL A 188 8.30 -0.21 15.54
N VAL A 189 8.67 -0.60 16.76
CA VAL A 189 8.54 -1.99 17.19
C VAL A 189 8.45 -2.01 18.71
N THR A 190 7.50 -2.80 19.23
CA THR A 190 7.34 -2.98 20.66
C THR A 190 7.99 -4.30 21.07
N VAL A 191 8.67 -4.28 22.21
CA VAL A 191 9.55 -5.35 22.64
C VAL A 191 9.50 -5.42 24.16
N PRO A 192 9.72 -6.58 24.79
CA PRO A 192 9.72 -6.61 26.26
C PRO A 192 10.71 -5.62 26.85
N SER A 193 10.25 -4.86 27.84
CA SER A 193 11.08 -3.83 28.45
C SER A 193 12.36 -4.41 29.04
N SER A 194 12.34 -5.68 29.44
CA SER A 194 13.47 -6.28 30.14
C SER A 194 14.60 -6.70 29.20
N SER A 195 14.41 -6.62 27.88
CA SER A 195 15.44 -7.02 26.93
C SER A 195 16.30 -5.84 26.47
N LEU A 196 15.95 -4.61 26.83
CA LEU A 196 16.63 -3.44 26.27
C LEU A 196 18.10 -3.42 26.65
N GLY A 197 18.43 -3.84 27.88
CA GLY A 197 19.81 -3.79 28.32
C GLY A 197 20.69 -4.86 27.71
N THR A 198 20.09 -5.93 27.17
CA THR A 198 20.85 -7.06 26.63
C THR A 198 20.68 -7.23 25.13
N GLN A 199 19.47 -7.09 24.61
CA GLN A 199 19.20 -7.34 23.20
C GLN A 199 19.50 -6.09 22.38
N THR A 200 20.23 -6.28 21.28
CA THR A 200 20.54 -5.19 20.37
C THR A 200 19.47 -5.08 19.29
N TYR A 201 19.06 -3.84 19.00
CA TYR A 201 18.00 -3.58 18.04
C TYR A 201 18.53 -2.64 16.97
N ILE A 202 18.51 -3.10 15.72
CA ILE A 202 19.08 -2.38 14.59
C ILE A 202 18.02 -2.34 13.50
N CYS A 203 17.68 -1.13 13.06
CA CYS A 203 16.76 -0.96 11.94
C CYS A 203 17.55 -0.92 10.63
N ASN A 204 17.15 -1.74 9.68
CA ASN A 204 17.82 -1.83 8.38
C ASN A 204 16.95 -1.12 7.35
N VAL A 205 17.40 0.06 6.93
CA VAL A 205 16.66 0.89 5.98
C VAL A 205 17.28 0.73 4.59
N ASN A 206 16.43 0.64 3.58
CA ASN A 206 16.89 0.43 2.21
C ASN A 206 16.10 1.36 1.29
N HIS A 207 16.82 2.24 0.59
CA HIS A 207 16.25 3.15 -0.40
C HIS A 207 16.98 2.90 -1.72
N LYS A 208 16.40 2.05 -2.56
CA LYS A 208 17.07 1.57 -3.76
C LYS A 208 17.33 2.69 -4.77
N PRO A 209 16.40 3.61 -4.99
CA PRO A 209 16.68 4.70 -5.96
C PRO A 209 17.99 5.41 -5.69
N SER A 210 18.29 5.62 -4.44
CA SER A 210 19.51 6.30 -4.08
C SER A 210 20.64 5.32 -3.73
N ASN A 211 20.39 4.03 -3.84
CA ASN A 211 21.36 2.99 -3.50
C ASN A 211 21.78 3.10 -2.04
N THR A 212 20.87 3.56 -1.18
CA THR A 212 21.16 3.71 0.24
C THR A 212 20.74 2.46 1.00
N LYS A 213 21.59 2.04 1.93
CA LYS A 213 21.31 0.88 2.77
C LYS A 213 21.97 1.14 4.12
N VAL A 214 21.15 1.46 5.13
CA VAL A 214 21.64 1.87 6.44
C VAL A 214 21.21 0.85 7.48
N ASP A 215 22.08 0.63 8.46
CA ASP A 215 21.79 -0.21 9.62
C ASP A 215 22.08 0.61 10.87
N LYS A 216 21.03 1.24 11.41
CA LYS A 216 21.15 2.11 12.57
C LYS A 216 20.80 1.32 13.82
N ARG A 217 21.72 1.29 14.80
CA ARG A 217 21.48 0.63 16.06
C ARG A 217 20.78 1.61 17.02
N VAL A 218 19.65 1.19 17.56
CA VAL A 218 18.85 2.01 18.45
C VAL A 218 19.24 1.68 19.88
N GLU A 219 19.86 2.63 20.57
CA GLU A 219 20.30 2.38 21.94
C GLU A 219 19.29 2.92 22.94
N PRO A 220 19.01 2.21 24.04
CA PRO A 220 18.06 2.75 25.02
C PRO A 220 18.66 3.87 25.85
N LYS A 221 17.78 4.75 26.32
CA LYS A 221 18.15 5.77 27.29
C LYS A 221 17.88 5.24 28.70
N SER A 222 18.88 5.34 29.56
CA SER A 222 18.79 4.86 30.94
C SER A 222 19.01 6.03 31.89
N CYS A 223 18.16 6.12 32.91
CA CYS A 223 18.26 7.17 33.91
C CYS A 223 17.87 6.65 35.29
N ASP B 1 -14.86 1.81 -23.26
CA ASP B 1 -15.54 3.05 -22.92
C ASP B 1 -16.57 2.82 -21.81
N ILE B 2 -16.56 1.61 -21.26
CA ILE B 2 -17.47 1.26 -20.18
C ILE B 2 -16.91 1.76 -18.86
N VAL B 3 -17.72 2.50 -18.12
CA VAL B 3 -17.33 3.03 -16.83
C VAL B 3 -17.95 2.18 -15.73
N MET B 4 -17.13 1.73 -14.79
CA MET B 4 -17.58 0.95 -13.65
C MET B 4 -17.58 1.84 -12.42
N THR B 5 -18.66 1.75 -11.63
CA THR B 5 -18.84 2.61 -10.47
C THR B 5 -19.20 1.74 -9.27
N GLN B 6 -18.39 1.78 -8.22
CA GLN B 6 -18.59 0.98 -7.03
C GLN B 6 -19.14 1.82 -5.88
N SER B 7 -19.93 1.18 -5.03
CA SER B 7 -20.52 1.82 -3.87
C SER B 7 -20.68 0.77 -2.78
N PRO B 8 -20.34 1.07 -1.52
CA PRO B 8 -19.78 2.35 -1.03
C PRO B 8 -18.26 2.40 -1.19
N GLU B 9 -17.67 3.55 -0.89
CA GLU B 9 -16.21 3.66 -0.95
C GLU B 9 -15.54 2.80 0.11
N SER B 10 -16.16 2.70 1.29
CA SER B 10 -15.63 1.85 2.35
C SER B 10 -16.77 1.41 3.24
N LEU B 11 -16.59 0.25 3.88
CA LEU B 11 -17.58 -0.28 4.80
C LEU B 11 -16.86 -1.01 5.92
N ALA B 12 -17.50 -1.02 7.09
CA ALA B 12 -16.97 -1.72 8.26
C ALA B 12 -18.09 -2.58 8.84
N VAL B 13 -17.83 -3.89 8.95
CA VAL B 13 -18.80 -4.83 9.50
C VAL B 13 -18.09 -5.74 10.48
N SER B 14 -18.86 -6.29 11.42
CA SER B 14 -18.30 -7.09 12.49
C SER B 14 -17.92 -8.48 12.00
N LEU B 15 -17.11 -9.17 12.79
CA LEU B 15 -16.75 -10.55 12.51
C LEU B 15 -18.01 -11.41 12.42
N GLY B 16 -18.09 -12.22 11.37
CA GLY B 16 -19.23 -13.08 11.15
C GLY B 16 -20.41 -12.45 10.44
N GLU B 17 -20.39 -11.14 10.23
CA GLU B 17 -21.50 -10.46 9.60
C GLU B 17 -21.28 -10.33 8.09
N ARG B 18 -22.30 -9.83 7.40
CA ARG B 18 -22.32 -9.77 5.94
C ARG B 18 -21.84 -8.42 5.46
N ALA B 19 -20.92 -8.43 4.49
CA ALA B 19 -20.48 -7.24 3.79
C ALA B 19 -21.03 -7.25 2.38
N THR B 20 -21.50 -6.09 1.93
CA THR B 20 -22.13 -5.96 0.61
C THR B 20 -21.41 -4.88 -0.18
N ILE B 21 -20.99 -5.21 -1.39
CA ILE B 21 -20.31 -4.28 -2.29
C ILE B 21 -21.08 -4.24 -3.60
N ASN B 22 -21.49 -3.06 -4.03
CA ASN B 22 -22.29 -2.88 -5.22
C ASN B 22 -21.44 -2.30 -6.34
N CYS B 23 -21.77 -2.68 -7.57
CA CYS B 23 -21.02 -2.28 -8.75
C CYS B 23 -22.00 -2.02 -9.88
N LYS B 24 -21.81 -0.91 -10.59
CA LYS B 24 -22.70 -0.52 -11.68
C LYS B 24 -21.86 -0.19 -12.91
N SER B 25 -22.26 -0.76 -14.04
CA SER B 25 -21.59 -0.51 -15.32
C SER B 25 -22.38 0.51 -16.11
N SER B 26 -21.66 1.41 -16.78
CA SER B 26 -22.32 2.44 -17.57
C SER B 26 -23.11 1.83 -18.73
N GLN B 27 -22.72 0.65 -19.20
CA GLN B 27 -23.42 -0.06 -20.25
C GLN B 27 -23.58 -1.52 -19.85
N SER B 28 -24.60 -2.18 -20.39
CA SER B 28 -24.84 -3.57 -20.06
C SER B 28 -23.65 -4.43 -20.49
N VAL B 29 -23.26 -5.37 -19.63
CA VAL B 29 -22.18 -6.30 -19.93
C VAL B 29 -22.71 -7.71 -20.17
N LEU B 30 -23.99 -7.81 -20.52
CA LEU B 30 -24.61 -9.09 -20.82
C LEU B 30 -24.42 -9.36 -22.31
N TYR B 31 -23.78 -10.48 -22.64
CA TYR B 31 -23.52 -10.84 -24.02
C TYR B 31 -24.41 -12.02 -24.44
N SER B 32 -25.00 -11.90 -25.61
CA SER B 32 -25.86 -12.93 -26.17
C SER B 32 -25.13 -13.66 -27.28
N SER B 33 -25.20 -14.99 -27.25
CA SER B 33 -24.52 -15.83 -28.25
C SER B 33 -25.39 -17.04 -28.52
N ARG B 34 -24.84 -18.02 -29.23
CA ARG B 34 -25.57 -19.25 -29.50
C ARG B 34 -25.81 -20.05 -28.22
N SER B 35 -24.93 -19.90 -27.23
CA SER B 35 -25.07 -20.57 -25.95
C SER B 35 -25.69 -19.63 -24.93
N ASP B 36 -25.65 -20.02 -23.66
CA ASP B 36 -26.31 -19.27 -22.60
C ASP B 36 -25.80 -17.83 -22.53
N ASN B 37 -26.67 -16.94 -22.06
CA ASN B 37 -26.27 -15.57 -21.77
C ASN B 37 -25.28 -15.54 -20.62
N LYS B 38 -24.24 -14.72 -20.76
CA LYS B 38 -23.24 -14.55 -19.72
C LYS B 38 -23.02 -13.07 -19.46
N ASP B 39 -22.80 -12.73 -18.19
CA ASP B 39 -22.47 -11.37 -17.77
C ASP B 39 -20.95 -11.29 -17.63
N TYR B 40 -20.33 -10.46 -18.48
CA TYR B 40 -18.87 -10.36 -18.54
C TYR B 40 -18.40 -9.41 -17.44
N LEU B 41 -18.37 -9.93 -16.22
CA LEU B 41 -17.92 -9.17 -15.05
C LEU B 41 -17.10 -10.06 -14.14
N ALA B 42 -16.07 -9.48 -13.54
CA ALA B 42 -15.19 -10.19 -12.62
C ALA B 42 -14.98 -9.36 -11.36
N TRP B 43 -14.64 -10.06 -10.28
CA TRP B 43 -14.36 -9.45 -8.99
C TRP B 43 -12.96 -9.83 -8.53
N TYR B 44 -12.24 -8.85 -7.97
CA TYR B 44 -10.88 -9.06 -7.51
C TYR B 44 -10.73 -8.56 -6.08
N GLN B 45 -9.79 -9.19 -5.35
CA GLN B 45 -9.44 -8.82 -3.99
C GLN B 45 -7.99 -8.38 -3.94
N GLN B 46 -7.72 -7.28 -3.23
CA GLN B 46 -6.37 -6.75 -3.15
C GLN B 46 -6.07 -6.32 -1.72
N LYS B 47 -5.11 -7.00 -1.07
CA LYS B 47 -4.58 -6.61 0.21
C LYS B 47 -3.35 -5.72 0.02
N PRO B 48 -3.08 -4.79 0.94
CA PRO B 48 -2.02 -3.79 0.68
C PRO B 48 -0.67 -4.46 0.46
N GLY B 49 -0.02 -4.15 -0.66
CA GLY B 49 1.30 -4.65 -0.95
C GLY B 49 1.36 -6.03 -1.54
N GLN B 50 0.22 -6.62 -1.91
CA GLN B 50 0.17 -8.03 -2.27
C GLN B 50 -0.45 -8.19 -3.66
N SER B 51 -0.23 -9.35 -4.26
CA SER B 51 -0.71 -9.60 -5.61
C SER B 51 -2.24 -9.65 -5.62
N PRO B 52 -2.90 -8.89 -6.49
CA PRO B 52 -4.36 -9.01 -6.60
C PRO B 52 -4.76 -10.43 -6.97
N LYS B 53 -5.95 -10.82 -6.53
CA LYS B 53 -6.43 -12.18 -6.69
C LYS B 53 -7.81 -12.16 -7.36
N LEU B 54 -8.00 -13.03 -8.34
CA LEU B 54 -9.30 -13.17 -8.98
C LEU B 54 -10.26 -13.91 -8.05
N LEU B 55 -11.42 -13.32 -7.82
CA LEU B 55 -12.45 -13.91 -6.95
C LEU B 55 -13.56 -14.57 -7.75
N ILE B 56 -14.31 -13.80 -8.52
CA ILE B 56 -15.42 -14.29 -9.27
C ILE B 56 -15.42 -13.79 -10.70
N TYR B 57 -16.11 -14.46 -11.60
CA TYR B 57 -16.20 -14.02 -12.98
C TYR B 57 -17.41 -14.69 -13.61
N TRP B 58 -17.85 -14.09 -14.70
CA TRP B 58 -19.08 -14.42 -15.30
C TRP B 58 -20.07 -13.99 -14.21
N ALA B 59 -19.71 -12.98 -13.42
CA ALA B 59 -20.60 -12.43 -12.39
C ALA B 59 -20.89 -13.21 -11.16
N SER B 60 -20.91 -14.52 -11.31
CA SER B 60 -21.33 -15.41 -10.23
C SER B 60 -20.42 -16.62 -10.02
N THR B 61 -19.56 -16.96 -10.97
CA THR B 61 -18.79 -18.20 -10.88
C THR B 61 -17.55 -17.98 -10.01
N ARG B 62 -17.37 -18.84 -9.02
CA ARG B 62 -16.25 -18.72 -8.09
C ARG B 62 -14.99 -19.31 -8.70
N GLU B 63 -13.87 -18.59 -8.53
CA GLU B 63 -12.57 -19.11 -8.91
C GLU B 63 -12.15 -20.24 -7.97
N SER B 64 -11.44 -21.21 -8.52
CA SER B 64 -10.97 -22.34 -7.73
C SER B 64 -10.29 -21.87 -6.46
N GLY B 65 -10.73 -22.42 -5.33
CA GLY B 65 -10.17 -22.07 -4.03
C GLY B 65 -10.82 -20.89 -3.35
N VAL B 66 -11.69 -20.17 -4.03
CA VAL B 66 -12.40 -19.05 -3.40
C VAL B 66 -13.44 -19.60 -2.44
N PRO B 67 -13.46 -19.21 -1.17
CA PRO B 67 -14.47 -19.74 -0.24
C PRO B 67 -15.88 -19.44 -0.70
N GLU B 68 -16.83 -20.28 -0.26
CA GLU B 68 -18.22 -20.07 -0.64
C GLU B 68 -18.82 -18.83 -0.01
N ARG B 69 -18.20 -18.27 1.03
CA ARG B 69 -18.75 -17.06 1.65
C ARG B 69 -18.68 -15.87 0.70
N PHE B 70 -17.88 -15.95 -0.36
CA PHE B 70 -17.87 -14.94 -1.41
C PHE B 70 -18.93 -15.30 -2.45
N THR B 71 -19.90 -14.41 -2.65
CA THR B 71 -21.00 -14.64 -3.57
C THR B 71 -21.12 -13.45 -4.51
N GLY B 72 -21.10 -13.72 -5.81
CA GLY B 72 -21.32 -12.73 -6.84
C GLY B 72 -22.70 -12.88 -7.45
N SER B 73 -23.40 -11.76 -7.61
CA SER B 73 -24.76 -11.79 -8.13
C SER B 73 -25.00 -10.53 -8.95
N GLY B 74 -26.17 -10.49 -9.60
CA GLY B 74 -26.55 -9.37 -10.44
C GLY B 74 -26.55 -9.76 -11.91
N SER B 75 -26.91 -8.79 -12.75
CA SER B 75 -27.00 -9.04 -14.17
C SER B 75 -26.98 -7.71 -14.92
N GLY B 76 -26.53 -7.76 -16.17
CA GLY B 76 -26.61 -6.64 -17.08
C GLY B 76 -25.85 -5.40 -16.65
N THR B 77 -26.45 -4.61 -15.77
CA THR B 77 -25.93 -3.31 -15.39
C THR B 77 -25.69 -3.15 -13.89
N ASP B 78 -26.28 -4.00 -13.05
CA ASP B 78 -26.14 -3.92 -11.61
C ASP B 78 -25.59 -5.24 -11.09
N PHE B 79 -24.59 -5.16 -10.21
CA PHE B 79 -23.93 -6.35 -9.68
C PHE B 79 -23.56 -6.12 -8.23
N THR B 80 -23.35 -7.22 -7.52
CA THR B 80 -23.10 -7.19 -6.08
C THR B 80 -22.11 -8.28 -5.71
N LEU B 81 -21.14 -7.94 -4.87
CA LEU B 81 -20.27 -8.92 -4.23
C LEU B 81 -20.68 -9.02 -2.76
N SER B 82 -20.99 -10.23 -2.32
CA SER B 82 -21.48 -10.48 -0.96
C SER B 82 -20.48 -11.35 -0.21
N ILE B 83 -20.10 -10.91 0.98
CA ILE B 83 -19.25 -11.69 1.88
C ILE B 83 -20.14 -12.19 3.01
N SER B 84 -20.48 -13.48 2.95
CA SER B 84 -21.47 -14.04 3.87
C SER B 84 -21.08 -13.78 5.33
N SER B 85 -19.85 -14.13 5.70
CA SER B 85 -19.39 -14.03 7.09
C SER B 85 -17.97 -13.48 7.06
N LEU B 86 -17.84 -12.17 7.28
CA LEU B 86 -16.55 -11.52 7.13
C LEU B 86 -15.54 -12.06 8.15
N GLN B 87 -14.33 -12.31 7.66
CA GLN B 87 -13.21 -12.70 8.51
C GLN B 87 -12.11 -11.65 8.40
N ALA B 88 -11.32 -11.53 9.45
CA ALA B 88 -10.23 -10.55 9.48
C ALA B 88 -9.40 -10.61 8.20
N GLU B 89 -9.09 -11.81 7.74
CA GLU B 89 -8.31 -11.99 6.53
C GLU B 89 -9.05 -11.45 5.31
N ASP B 90 -10.32 -11.12 5.50
CA ASP B 90 -11.13 -10.58 4.41
C ASP B 90 -10.89 -9.09 4.20
N VAL B 91 -10.24 -8.45 5.16
CA VAL B 91 -9.95 -7.03 5.06
C VAL B 91 -9.13 -6.80 3.80
N ALA B 92 -9.63 -5.95 2.91
CA ALA B 92 -8.97 -5.70 1.63
C ALA B 92 -9.82 -4.70 0.86
N VAL B 93 -9.28 -4.27 -0.29
CA VAL B 93 -10.01 -3.49 -1.26
C VAL B 93 -10.51 -4.43 -2.34
N TYR B 94 -11.77 -4.28 -2.72
CA TYR B 94 -12.41 -5.14 -3.72
C TYR B 94 -12.78 -4.33 -4.94
N TYR B 95 -12.42 -4.79 -6.10
CA TYR B 95 -12.74 -4.14 -7.32
C TYR B 95 -13.53 -5.03 -8.29
N CYS B 96 -14.48 -4.44 -8.97
CA CYS B 96 -15.18 -5.10 -10.06
C CYS B 96 -14.57 -4.69 -11.39
N GLN B 97 -14.85 -5.49 -12.43
CA GLN B 97 -14.25 -5.26 -13.73
C GLN B 97 -15.12 -5.88 -14.80
N GLN B 98 -15.34 -5.14 -15.88
CA GLN B 98 -16.06 -5.64 -17.04
C GLN B 98 -15.07 -6.03 -18.13
N TYR B 99 -15.38 -7.12 -18.83
CA TYR B 99 -14.63 -7.52 -20.02
C TYR B 99 -15.57 -7.76 -21.18
N TYR B 100 -16.72 -7.08 -21.18
CA TYR B 100 -17.65 -7.17 -22.28
C TYR B 100 -17.13 -6.44 -23.51
N SER B 101 -16.55 -5.26 -23.30
CA SER B 101 -16.02 -4.44 -24.39
C SER B 101 -14.58 -4.09 -24.09
N SER B 102 -13.83 -3.79 -25.16
CA SER B 102 -12.46 -3.35 -25.00
C SER B 102 -12.40 -1.83 -24.95
N PRO B 103 -11.57 -1.23 -24.09
CA PRO B 103 -10.66 -1.88 -23.13
C PRO B 103 -11.37 -2.39 -21.88
N PRO B 104 -10.84 -3.44 -21.25
CA PRO B 104 -11.38 -3.84 -19.95
C PRO B 104 -11.17 -2.74 -18.92
N THR B 105 -12.19 -2.50 -18.10
CA THR B 105 -12.17 -1.40 -17.15
C THR B 105 -12.56 -1.91 -15.77
N PHE B 106 -12.04 -1.23 -14.75
CA PHE B 106 -12.25 -1.60 -13.36
C PHE B 106 -13.04 -0.52 -12.64
N GLY B 107 -13.69 -0.93 -11.54
CA GLY B 107 -14.30 0.01 -10.64
C GLY B 107 -13.26 0.73 -9.80
N GLY B 108 -13.73 1.71 -9.02
CA GLY B 108 -12.86 2.47 -8.16
C GLY B 108 -12.41 1.76 -6.91
N GLY B 109 -13.06 0.66 -6.54
CA GLY B 109 -12.68 -0.12 -5.39
C GLY B 109 -13.52 0.22 -4.17
N THR B 110 -13.70 -0.77 -3.31
CA THR B 110 -14.39 -0.60 -2.03
C THR B 110 -13.49 -1.14 -0.93
N LYS B 111 -13.17 -0.32 0.06
CA LYS B 111 -12.39 -0.76 1.21
C LYS B 111 -13.29 -1.49 2.19
N VAL B 112 -12.92 -2.71 2.54
CA VAL B 112 -13.66 -3.53 3.50
C VAL B 112 -12.85 -3.58 4.79
N GLU B 113 -13.45 -3.12 5.87
CA GLU B 113 -12.83 -3.04 7.17
C GLU B 113 -13.57 -3.93 8.16
N LEU B 114 -12.83 -4.50 9.11
CA LEU B 114 -13.43 -5.35 10.13
C LEU B 114 -13.72 -4.49 11.36
N LYS B 115 -15.00 -4.42 11.73
CA LYS B 115 -15.43 -3.65 12.89
C LYS B 115 -15.27 -4.52 14.13
N ARG B 116 -14.19 -4.30 14.87
CA ARG B 116 -13.88 -5.07 16.06
C ARG B 116 -14.11 -4.24 17.31
N THR B 117 -13.85 -4.84 18.46
CA THR B 117 -14.08 -4.15 19.74
C THR B 117 -13.16 -2.95 19.86
N VAL B 118 -13.62 -1.95 20.63
CA VAL B 118 -12.83 -0.76 20.86
C VAL B 118 -11.55 -1.14 21.60
N ALA B 119 -10.43 -0.56 21.16
CA ALA B 119 -9.13 -0.79 21.79
C ALA B 119 -8.44 0.56 21.95
N ALA B 120 -8.11 0.91 23.18
CA ALA B 120 -7.46 2.19 23.45
C ALA B 120 -6.01 2.15 22.98
N PRO B 121 -5.47 3.26 22.49
CA PRO B 121 -4.08 3.28 22.05
C PRO B 121 -3.09 3.35 23.21
N SER B 122 -1.97 2.65 23.04
CA SER B 122 -0.83 2.82 23.91
C SER B 122 0.02 3.96 23.37
N VAL B 123 0.19 5.01 24.16
CA VAL B 123 0.81 6.25 23.70
C VAL B 123 2.26 6.29 24.17
N PHE B 124 3.16 6.66 23.26
CA PHE B 124 4.57 6.86 23.56
C PHE B 124 5.03 8.14 22.88
N ILE B 125 6.04 8.79 23.48
CA ILE B 125 6.60 10.02 22.93
C ILE B 125 8.11 9.85 22.79
N PHE B 126 8.67 10.42 21.73
CA PHE B 126 10.09 10.29 21.41
C PHE B 126 10.69 11.68 21.20
N PRO B 127 11.70 12.08 21.95
CA PRO B 127 12.36 13.36 21.69
C PRO B 127 13.20 13.28 20.43
N PRO B 128 13.61 14.42 19.87
CA PRO B 128 14.62 14.38 18.79
C PRO B 128 15.90 13.75 19.31
N SER B 129 16.56 12.97 18.45
CA SER B 129 17.80 12.34 18.81
C SER B 129 18.95 13.33 18.78
N ASP B 130 19.96 13.06 19.60
CA ASP B 130 21.17 13.89 19.55
C ASP B 130 21.77 13.90 18.16
N GLU B 131 21.65 12.79 17.43
CA GLU B 131 22.14 12.75 16.06
C GLU B 131 21.46 13.80 15.20
N GLN B 132 20.13 13.90 15.29
CA GLN B 132 19.40 14.88 14.47
C GLN B 132 19.67 16.31 14.95
N LEU B 133 19.64 16.53 16.26
CA LEU B 133 19.90 17.87 16.78
C LEU B 133 21.26 18.37 16.35
N LYS B 134 22.24 17.47 16.19
CA LYS B 134 23.53 17.85 15.63
C LYS B 134 23.42 18.22 14.16
N SER B 135 22.43 17.65 13.46
CA SER B 135 22.24 17.92 12.03
C SER B 135 21.48 19.21 11.77
N GLY B 136 20.98 19.89 12.80
CA GLY B 136 20.37 21.20 12.64
C GLY B 136 18.86 21.23 12.63
N THR B 137 18.19 20.09 12.71
CA THR B 137 16.73 20.03 12.70
C THR B 137 16.26 19.19 13.88
N ALA B 138 14.94 19.20 14.12
CA ALA B 138 14.39 18.52 15.29
C ALA B 138 13.01 17.97 14.98
N SER B 139 12.82 16.68 15.28
CA SER B 139 11.55 15.99 15.05
C SER B 139 11.11 15.32 16.34
N VAL B 140 9.91 15.65 16.80
CA VAL B 140 9.30 15.03 17.97
C VAL B 140 8.20 14.10 17.49
N VAL B 141 8.27 12.83 17.87
CA VAL B 141 7.37 11.80 17.37
C VAL B 141 6.49 11.29 18.50
N CYS B 142 5.20 11.08 18.19
CA CYS B 142 4.24 10.51 19.12
C CYS B 142 3.61 9.29 18.47
N LEU B 143 3.56 8.18 19.20
CA LEU B 143 3.06 6.90 18.69
C LEU B 143 1.79 6.50 19.42
N LEU B 144 0.74 6.24 18.65
CA LEU B 144 -0.48 5.61 19.14
C LEU B 144 -0.52 4.19 18.57
N ASN B 145 -0.48 3.19 19.44
CA ASN B 145 -0.24 1.81 19.03
C ASN B 145 -1.48 0.95 19.26
N ASN B 146 -1.86 0.18 18.24
CA ASN B 146 -2.84 -0.90 18.35
C ASN B 146 -4.14 -0.41 19.00
N PHE B 147 -4.85 0.43 18.25
CA PHE B 147 -6.11 0.99 18.71
C PHE B 147 -7.19 0.79 17.66
N TYR B 148 -8.45 0.89 18.10
CA TYR B 148 -9.60 0.80 17.22
C TYR B 148 -10.75 1.54 17.90
N PRO B 149 -11.52 2.35 17.16
CA PRO B 149 -11.48 2.61 15.72
C PRO B 149 -10.31 3.49 15.27
N ARG B 150 -10.27 3.80 13.97
CA ARG B 150 -9.18 4.60 13.42
C ARG B 150 -9.23 6.03 13.94
N GLU B 151 -10.43 6.55 14.19
CA GLU B 151 -10.56 7.96 14.58
C GLU B 151 -9.85 8.22 15.90
N ALA B 152 -9.07 9.29 15.94
CA ALA B 152 -8.30 9.65 17.12
C ALA B 152 -7.74 11.05 16.93
N LYS B 153 -7.74 11.84 17.99
CA LYS B 153 -7.24 13.21 17.96
C LYS B 153 -5.90 13.27 18.69
N VAL B 154 -4.88 13.79 17.99
CA VAL B 154 -3.57 14.05 18.56
C VAL B 154 -3.35 15.55 18.52
N GLN B 155 -3.03 16.13 19.67
CA GLN B 155 -2.77 17.57 19.77
C GLN B 155 -1.45 17.77 20.50
N TRP B 156 -0.52 18.47 19.85
CA TRP B 156 0.78 18.75 20.43
C TRP B 156 0.73 20.02 21.28
N LYS B 157 1.56 20.03 22.32
CA LYS B 157 1.67 21.19 23.19
C LYS B 157 3.13 21.44 23.51
N VAL B 158 3.56 22.69 23.39
CA VAL B 158 4.92 23.11 23.68
C VAL B 158 4.82 24.19 24.76
N ASP B 159 5.34 23.89 25.94
CA ASP B 159 5.19 24.77 27.10
C ASP B 159 3.73 25.15 27.29
N ASN B 160 2.86 24.14 27.22
CA ASN B 160 1.42 24.27 27.40
C ASN B 160 0.74 25.06 26.29
N ALA B 161 1.46 25.41 25.23
CA ALA B 161 0.91 26.13 24.09
C ALA B 161 0.55 25.14 22.99
N LEU B 162 -0.71 25.19 22.53
CA LEU B 162 -1.18 24.24 21.55
C LEU B 162 -0.57 24.53 20.18
N GLN B 163 -0.26 23.46 19.44
CA GLN B 163 0.39 23.57 18.14
C GLN B 163 -0.61 23.25 17.04
N SER B 164 -0.37 23.84 15.86
CA SER B 164 -1.18 23.56 14.69
C SER B 164 -0.38 23.89 13.44
N GLY B 165 -0.55 23.09 12.39
CA GLY B 165 0.11 23.29 11.13
C GLY B 165 1.54 22.77 11.06
N ASN B 166 2.18 22.51 12.20
CA ASN B 166 3.56 22.06 12.23
C ASN B 166 3.69 20.56 12.54
N SER B 167 2.62 19.79 12.34
CA SER B 167 2.65 18.35 12.58
C SER B 167 1.99 17.63 11.41
N GLN B 168 2.39 16.37 11.23
CA GLN B 168 1.84 15.52 10.18
C GLN B 168 1.63 14.11 10.73
N GLU B 169 0.54 13.48 10.30
CA GLU B 169 0.13 12.17 10.79
C GLU B 169 0.30 11.11 9.71
N SER B 170 0.39 9.86 10.17
CA SER B 170 0.46 8.70 9.29
C SER B 170 -0.14 7.52 10.03
N VAL B 171 -1.00 6.77 9.35
CA VAL B 171 -1.73 5.66 9.96
C VAL B 171 -1.41 4.39 9.17
N THR B 172 -1.11 3.31 9.89
CA THR B 172 -0.94 2.01 9.27
C THR B 172 -2.29 1.48 8.78
N GLU B 173 -2.22 0.48 7.91
CA GLU B 173 -3.43 -0.23 7.52
C GLU B 173 -3.88 -1.15 8.65
N GLN B 174 -5.15 -1.55 8.59
CA GLN B 174 -5.70 -2.39 9.63
C GLN B 174 -4.93 -3.71 9.70
N ASP B 175 -4.52 -4.09 10.90
CA ASP B 175 -3.66 -5.25 11.07
C ASP B 175 -4.36 -6.52 10.58
N SER B 176 -3.55 -7.49 10.16
CA SER B 176 -4.08 -8.75 9.64
C SER B 176 -4.48 -9.73 10.74
N LYS B 177 -3.97 -9.55 11.96
CA LYS B 177 -4.21 -10.50 13.04
C LYS B 177 -5.17 -9.93 14.09
N ASP B 178 -4.86 -8.79 14.68
CA ASP B 178 -5.72 -8.19 15.70
C ASP B 178 -6.60 -7.06 15.14
N SER B 179 -6.47 -6.75 13.86
CA SER B 179 -7.36 -5.79 13.20
C SER B 179 -7.34 -4.43 13.90
N THR B 180 -6.15 -4.00 14.31
CA THR B 180 -5.98 -2.71 14.97
C THR B 180 -5.21 -1.77 14.06
N TYR B 181 -5.18 -0.50 14.46
CA TYR B 181 -4.43 0.54 13.78
C TYR B 181 -3.29 1.03 14.66
N SER B 182 -2.28 1.57 14.01
CA SER B 182 -1.19 2.28 14.68
C SER B 182 -1.00 3.61 13.97
N LEU B 183 -0.73 4.66 14.74
CA LEU B 183 -0.66 6.01 14.22
C LEU B 183 0.62 6.68 14.70
N SER B 184 1.28 7.39 13.79
CA SER B 184 2.43 8.23 14.12
C SER B 184 2.06 9.68 13.90
N SER B 185 2.55 10.55 14.79
CA SER B 185 2.36 11.98 14.67
C SER B 185 3.71 12.65 14.91
N THR B 186 4.17 13.44 13.95
CA THR B 186 5.50 14.03 13.97
C THR B 186 5.38 15.54 14.05
N LEU B 187 5.93 16.12 15.11
CA LEU B 187 6.04 17.56 15.26
C LEU B 187 7.42 17.99 14.75
N THR B 188 7.44 18.71 13.64
CA THR B 188 8.70 19.16 13.05
C THR B 188 9.02 20.55 13.57
N LEU B 189 10.24 20.72 14.08
CA LEU B 189 10.68 21.98 14.66
C LEU B 189 12.12 22.25 14.25
N SER B 190 12.49 23.53 14.31
CA SER B 190 13.88 23.89 14.10
C SER B 190 14.67 23.69 15.39
N LYS B 191 15.95 23.34 15.23
CA LYS B 191 16.81 23.11 16.39
C LYS B 191 16.79 24.31 17.34
N ALA B 192 16.99 25.52 16.79
CA ALA B 192 17.05 26.70 17.62
C ALA B 192 15.78 26.87 18.44
N ASP B 193 14.62 26.73 17.79
CA ASP B 193 13.35 26.83 18.51
C ASP B 193 13.21 25.72 19.54
N TYR B 194 13.53 24.49 19.16
CA TYR B 194 13.43 23.37 20.10
C TYR B 194 14.18 23.66 21.39
N GLU B 195 15.36 24.26 21.29
CA GLU B 195 16.19 24.52 22.47
C GLU B 195 15.64 25.65 23.34
N LYS B 196 14.66 26.42 22.85
CA LYS B 196 14.12 27.53 23.63
C LYS B 196 12.93 27.12 24.48
N HIS B 197 12.31 25.98 24.20
CA HIS B 197 11.18 25.48 24.99
C HIS B 197 11.59 24.21 25.72
N LYS B 198 10.90 23.93 26.82
CA LYS B 198 11.29 22.86 27.73
C LYS B 198 10.38 21.63 27.61
N VAL B 199 9.09 21.77 27.88
CA VAL B 199 8.18 20.63 27.99
C VAL B 199 7.46 20.44 26.67
N TYR B 200 7.53 19.22 26.14
CA TYR B 200 6.84 18.83 24.92
C TYR B 200 5.88 17.70 25.27
N ALA B 201 4.61 17.85 24.88
CA ALA B 201 3.57 16.93 25.28
C ALA B 201 2.70 16.55 24.09
N CYS B 202 2.28 15.29 24.07
CA CYS B 202 1.38 14.75 23.06
C CYS B 202 0.13 14.24 23.77
N GLU B 203 -1.00 14.92 23.55
CA GLU B 203 -2.25 14.58 24.20
C GLU B 203 -3.16 13.85 23.21
N VAL B 204 -3.66 12.68 23.62
CA VAL B 204 -4.43 11.80 22.75
C VAL B 204 -5.86 11.71 23.25
N THR B 205 -6.80 11.72 22.30
CA THR B 205 -8.22 11.53 22.58
C THR B 205 -8.72 10.38 21.72
N HIS B 206 -9.48 9.47 22.31
CA HIS B 206 -9.92 8.28 21.60
C HIS B 206 -11.14 7.70 22.29
N GLN B 207 -11.96 6.99 21.50
CA GLN B 207 -13.19 6.41 22.02
C GLN B 207 -12.93 5.47 23.19
N GLY B 208 -11.77 4.81 23.20
CA GLY B 208 -11.42 3.89 24.26
C GLY B 208 -10.79 4.50 25.49
N LEU B 209 -10.61 5.82 25.51
CA LEU B 209 -10.00 6.51 26.64
C LEU B 209 -11.08 7.27 27.40
N SER B 210 -11.22 6.95 28.70
CA SER B 210 -12.17 7.68 29.53
C SER B 210 -11.85 9.16 29.58
N SER B 211 -10.57 9.52 29.52
CA SER B 211 -10.14 10.91 29.53
C SER B 211 -8.89 11.03 28.68
N PRO B 212 -8.54 12.23 28.23
CA PRO B 212 -7.34 12.39 27.40
C PRO B 212 -6.10 11.83 28.09
N VAL B 213 -5.27 11.16 27.30
CA VAL B 213 -3.99 10.63 27.76
C VAL B 213 -2.89 11.58 27.30
N THR B 214 -1.90 11.80 28.17
CA THR B 214 -0.80 12.71 27.88
C THR B 214 0.52 11.98 28.03
N LYS B 215 1.40 12.16 27.06
CA LYS B 215 2.79 11.70 27.12
C LYS B 215 3.68 12.89 26.81
N SER B 216 4.58 13.21 27.73
CA SER B 216 5.39 14.41 27.61
C SER B 216 6.80 14.14 28.09
N PHE B 217 7.69 15.10 27.84
CA PHE B 217 9.05 15.06 28.35
C PHE B 217 9.55 16.49 28.49
N ASN B 218 10.62 16.62 29.26
CA ASN B 218 11.30 17.91 29.45
C ASN B 218 12.62 17.85 28.68
N ARG B 219 12.82 18.82 27.79
CA ARG B 219 13.92 18.75 26.83
C ARG B 219 15.25 18.45 27.52
N GLY B 220 15.54 19.17 28.59
CA GLY B 220 16.88 19.12 29.18
C GLY B 220 17.05 18.18 30.34
N GLU B 221 16.33 17.06 30.33
CA GLU B 221 16.42 16.10 31.42
C GLU B 221 15.69 14.80 31.08
#